data_1K5I
#
_entry.id   1K5I
#
_entity_poly.entity_id   1
_entity_poly.type   'polyribonucleotide'
_entity_poly.pdbx_seq_one_letter_code
;GGACCCGGGCUCAACCUGGGUCC
;
_entity_poly.pdbx_strand_id   A
#
loop_
_chem_comp.id
_chem_comp.type
_chem_comp.name
_chem_comp.formula
A RNA linking ADENOSINE-5'-MONOPHOSPHATE 'C10 H14 N5 O7 P'
C RNA linking CYTIDINE-5'-MONOPHOSPHATE 'C9 H14 N3 O8 P'
G RNA linking GUANOSINE-5'-MONOPHOSPHATE 'C10 H14 N5 O8 P'
U RNA linking URIDINE-5'-MONOPHOSPHATE 'C9 H13 N2 O9 P'
#